data_3WXB
#
_entry.id   3WXB
#
_cell.length_a   74.568
_cell.length_b   74.568
_cell.length_c   190.925
_cell.angle_alpha   90.00
_cell.angle_beta   90.00
_cell.angle_gamma   120.00
#
_symmetry.space_group_name_H-M   'P 32 2 1'
#
loop_
_entity.id
_entity.type
_entity.pdbx_description
1 polymer 'Uncharacterized protein'
2 non-polymer 'NADPH DIHYDRO-NICOTINAMIDE-ADENINE-DINUCLEOTIDE PHOSPHATE'
3 non-polymer 1,2-ETHANEDIOL
4 water water
#
_entity_poly.entity_id   1
_entity_poly.type   'polypeptide(L)'
_entity_poly.pdbx_seq_one_letter_code
;MGSSHHHHHHSSGLVPRGSHMGELRVRSVLVTGANRGIGLGFVQHLLALSNPPEWVFATCRDPKGQRAQELQKLASKHPN
LVIVPLEVTDPASIKAAAASVGERLKGSGLNLLINNAGIARANTIDNETLKDMSEVYTTNTIAPLLLSQAFLPMLKKAAQ
ENPGSGLSCSKAAIINISSTAGSIQDLYLWQYGQALSYRCSKAALNMLTRCQSMGYREHGIFCVALHPGWVKTDMGGTLE
DKSRVTVDESVGGMLKVLSNLSEKDSGAFLNWEGKVMAW
;
_entity_poly.pdbx_strand_id   A,B
#
# COMPACT_ATOMS: atom_id res chain seq x y z
N SER A 11 -0.23 -19.64 -30.33
CA SER A 11 0.27 -19.08 -29.02
C SER A 11 0.68 -17.57 -29.13
N SER A 12 1.97 -17.18 -29.22
CA SER A 12 3.16 -18.04 -29.11
C SER A 12 3.75 -18.23 -27.68
N GLY A 13 3.29 -17.46 -26.69
CA GLY A 13 3.65 -17.73 -25.27
C GLY A 13 3.04 -19.00 -24.67
N LEU A 14 3.69 -19.55 -23.65
CA LEU A 14 3.19 -20.70 -22.88
C LEU A 14 3.69 -20.51 -21.48
N VAL A 15 2.80 -20.67 -20.51
CA VAL A 15 3.14 -20.49 -19.14
C VAL A 15 2.53 -21.65 -18.38
N PRO A 16 3.32 -22.76 -18.27
CA PRO A 16 2.72 -23.97 -17.69
C PRO A 16 2.33 -23.77 -16.23
N ARG A 17 2.97 -22.84 -15.54
CA ARG A 17 2.58 -22.54 -14.13
C ARG A 17 1.06 -22.27 -14.05
N GLY A 18 0.53 -21.65 -15.08
CA GLY A 18 -0.90 -21.39 -15.13
C GLY A 18 -1.71 -22.39 -15.93
N SER A 19 -1.13 -23.04 -16.94
CA SER A 19 -1.98 -23.90 -17.83
C SER A 19 -2.02 -25.39 -17.40
N HIS A 20 -0.99 -25.86 -16.72
CA HIS A 20 -0.93 -27.26 -16.25
C HIS A 20 -1.81 -27.45 -15.02
N MET A 21 -2.60 -28.53 -14.98
CA MET A 21 -3.44 -28.85 -13.85
C MET A 21 -2.63 -29.67 -12.88
N GLY A 22 -2.09 -29.01 -11.87
CA GLY A 22 -1.31 -29.68 -10.88
C GLY A 22 -2.27 -30.28 -9.87
N GLU A 23 -1.71 -30.83 -8.82
CA GLU A 23 -2.55 -31.36 -7.79
C GLU A 23 -2.80 -30.31 -6.70
N LEU A 24 -4.07 -29.98 -6.49
CA LEU A 24 -4.41 -29.10 -5.37
C LEU A 24 -5.20 -29.96 -4.43
N ARG A 25 -4.60 -30.36 -3.32
CA ARG A 25 -5.26 -31.22 -2.35
C ARG A 25 -5.46 -30.42 -1.07
N VAL A 26 -6.63 -29.79 -0.92
CA VAL A 26 -6.90 -28.96 0.25
C VAL A 26 -8.08 -29.56 1.04
N ARG A 27 -7.81 -29.91 2.30
CA ARG A 27 -8.79 -30.49 3.17
C ARG A 27 -9.77 -29.37 3.61
N SER A 28 -9.22 -28.20 3.94
CA SER A 28 -10.09 -27.09 4.33
C SER A 28 -9.63 -25.81 3.66
N VAL A 29 -10.59 -24.98 3.20
CA VAL A 29 -10.29 -23.64 2.65
C VAL A 29 -11.33 -22.64 3.20
N LEU A 30 -10.95 -21.36 3.37
CA LEU A 30 -11.96 -20.28 3.62
C LEU A 30 -11.75 -19.20 2.58
N VAL A 31 -12.84 -18.77 1.94
CA VAL A 31 -12.81 -17.71 0.95
C VAL A 31 -13.66 -16.56 1.51
N THR A 32 -13.13 -15.34 1.55
CA THR A 32 -13.89 -14.12 1.95
C THR A 32 -14.56 -13.52 0.73
N GLY A 33 -15.71 -12.84 0.90
CA GLY A 33 -16.38 -12.20 -0.23
C GLY A 33 -16.97 -13.23 -1.16
N ALA A 34 -17.54 -14.29 -0.59
CA ALA A 34 -17.91 -15.45 -1.42
C ALA A 34 -19.32 -15.46 -2.05
N ASN A 35 -20.12 -14.39 -1.87
CA ASN A 35 -21.49 -14.43 -2.39
C ASN A 35 -21.67 -14.07 -3.83
N ARG A 36 -20.73 -13.32 -4.41
CA ARG A 36 -20.87 -12.98 -5.81
C ARG A 36 -19.44 -12.79 -6.35
N GLY A 37 -19.33 -12.47 -7.63
CA GLY A 37 -18.05 -12.17 -8.28
C GLY A 37 -17.02 -13.29 -8.21
N ILE A 38 -15.78 -12.90 -8.07
CA ILE A 38 -14.68 -13.89 -8.06
C ILE A 38 -14.77 -14.83 -6.90
N GLY A 39 -15.11 -14.28 -5.73
CA GLY A 39 -15.28 -15.07 -4.48
C GLY A 39 -16.29 -16.24 -4.67
N LEU A 40 -17.46 -15.96 -5.24
CA LEU A 40 -18.43 -17.04 -5.57
C LEU A 40 -17.81 -18.07 -6.53
N GLY A 41 -17.11 -17.59 -7.57
CA GLY A 41 -16.32 -18.47 -8.44
C GLY A 41 -15.37 -19.40 -7.68
N PHE A 42 -14.59 -18.86 -6.75
CA PHE A 42 -13.73 -19.69 -5.96
C PHE A 42 -14.49 -20.83 -5.30
N VAL A 43 -15.65 -20.50 -4.72
CA VAL A 43 -16.47 -21.52 -3.99
C VAL A 43 -16.93 -22.64 -4.91
N GLN A 44 -17.51 -22.26 -6.05
CA GLN A 44 -18.00 -23.22 -7.03
C GLN A 44 -16.86 -24.12 -7.58
N HIS A 45 -15.70 -23.51 -7.87
CA HIS A 45 -14.57 -24.27 -8.41
C HIS A 45 -13.95 -25.17 -7.36
N LEU A 46 -13.89 -24.67 -6.13
CA LEU A 46 -13.37 -25.50 -5.03
C LEU A 46 -14.26 -26.71 -4.80
N LEU A 47 -15.57 -26.50 -4.91
CA LEU A 47 -16.51 -27.60 -4.67
C LEU A 47 -16.42 -28.63 -5.76
N ALA A 48 -16.13 -28.18 -6.98
CA ALA A 48 -16.02 -29.02 -8.15
C ALA A 48 -14.61 -29.67 -8.36
N LEU A 49 -13.72 -29.62 -7.35
CA LEU A 49 -12.40 -30.28 -7.46
C LEU A 49 -12.58 -31.83 -7.44
N SER A 50 -11.76 -32.54 -8.23
CA SER A 50 -11.74 -34.01 -8.21
C SER A 50 -11.64 -34.55 -6.78
N ASN A 51 -10.70 -34.08 -5.97
CA ASN A 51 -10.78 -34.35 -4.54
C ASN A 51 -11.26 -33.14 -3.72
N PRO A 52 -12.59 -33.03 -3.53
CA PRO A 52 -13.12 -31.79 -2.97
C PRO A 52 -12.72 -31.61 -1.52
N PRO A 53 -12.67 -30.38 -1.05
CA PRO A 53 -12.31 -30.13 0.32
C PRO A 53 -13.34 -30.74 1.22
N GLU A 54 -12.94 -31.15 2.41
CA GLU A 54 -13.88 -31.53 3.44
C GLU A 54 -14.69 -30.36 3.95
N TRP A 55 -14.11 -29.17 4.00
CA TRP A 55 -14.82 -27.96 4.37
C TRP A 55 -14.44 -26.85 3.45
N VAL A 56 -15.43 -26.21 2.85
CA VAL A 56 -15.25 -24.95 2.18
C VAL A 56 -16.02 -23.95 3.04
N PHE A 57 -15.29 -23.06 3.69
CA PHE A 57 -15.90 -21.94 4.38
C PHE A 57 -16.10 -20.80 3.41
N ALA A 58 -17.34 -20.38 3.26
CA ALA A 58 -17.59 -19.25 2.37
C ALA A 58 -18.07 -18.08 3.25
N THR A 59 -17.34 -16.97 3.29
CA THR A 59 -17.82 -15.90 4.13
C THR A 59 -18.70 -14.94 3.33
N CYS A 60 -19.72 -14.42 4.01
CA CYS A 60 -20.50 -13.35 3.44
C CYS A 60 -21.17 -12.51 4.53
N ARG A 61 -21.87 -11.50 4.06
CA ARG A 61 -22.60 -10.57 4.87
C ARG A 61 -24.05 -10.84 4.57
N ASP A 62 -24.87 -10.60 5.56
CA ASP A 62 -26.32 -10.72 5.43
C ASP A 62 -26.63 -12.12 4.92
N PRO A 63 -26.18 -13.20 5.61
CA PRO A 63 -26.25 -14.54 4.96
C PRO A 63 -27.67 -15.02 4.55
N LYS A 64 -28.71 -14.52 5.21
CA LYS A 64 -30.03 -14.91 4.75
C LYS A 64 -30.72 -13.76 4.11
N GLY A 65 -30.00 -12.92 3.39
CA GLY A 65 -30.59 -11.79 2.70
C GLY A 65 -30.42 -12.07 1.23
N GLN A 66 -31.02 -11.26 0.38
CA GLN A 66 -30.97 -11.45 -1.06
C GLN A 66 -29.53 -11.64 -1.70
N ARG A 67 -28.56 -10.89 -1.16
CA ARG A 67 -27.10 -10.93 -1.48
C ARG A 67 -26.49 -12.35 -1.58
N ALA A 68 -27.03 -13.24 -0.76
CA ALA A 68 -26.41 -14.53 -0.41
C ALA A 68 -27.25 -15.65 -0.93
N GLN A 69 -28.16 -15.33 -1.82
CA GLN A 69 -29.13 -16.29 -2.32
C GLN A 69 -28.44 -17.43 -3.04
N GLU A 70 -27.59 -17.08 -4.02
CA GLU A 70 -27.04 -18.16 -4.82
C GLU A 70 -26.10 -19.05 -3.99
N LEU A 71 -25.45 -18.45 -2.98
CA LEU A 71 -24.63 -19.23 -2.02
C LEU A 71 -25.42 -20.20 -1.20
N GLN A 72 -26.57 -19.75 -0.70
CA GLN A 72 -27.46 -20.58 0.09
C GLN A 72 -27.96 -21.75 -0.76
N LYS A 73 -28.18 -21.50 -2.05
CA LYS A 73 -28.59 -22.53 -2.99
C LYS A 73 -27.51 -23.59 -2.98
N LEU A 74 -26.29 -23.18 -3.35
CA LEU A 74 -25.15 -24.07 -3.34
C LEU A 74 -25.02 -24.89 -2.07
N ALA A 75 -25.21 -24.23 -0.94
CA ALA A 75 -25.03 -24.86 0.36
C ALA A 75 -26.04 -25.99 0.63
N SER A 76 -27.27 -25.80 0.13
CA SER A 76 -28.32 -26.83 0.27
C SER A 76 -27.92 -28.12 -0.46
N LYS A 77 -27.16 -27.98 -1.56
CA LYS A 77 -26.63 -29.10 -2.34
C LYS A 77 -25.23 -29.64 -1.95
N HIS A 78 -24.44 -28.90 -1.18
CA HIS A 78 -23.10 -29.38 -0.78
C HIS A 78 -22.88 -29.36 0.72
N PRO A 79 -22.83 -30.57 1.34
CA PRO A 79 -22.67 -30.60 2.78
C PRO A 79 -21.29 -30.10 3.22
N ASN A 80 -20.32 -30.07 2.29
CA ASN A 80 -18.97 -29.55 2.63
C ASN A 80 -18.88 -27.99 2.64
N LEU A 81 -19.90 -27.33 2.10
CA LEU A 81 -20.02 -25.86 2.12
C LEU A 81 -20.59 -25.29 3.41
N VAL A 82 -19.77 -24.52 4.15
CA VAL A 82 -20.15 -23.85 5.38
C VAL A 82 -20.20 -22.32 5.15
N ILE A 83 -21.38 -21.71 5.31
CA ILE A 83 -21.54 -20.25 5.16
C ILE A 83 -21.27 -19.54 6.48
N VAL A 84 -20.30 -18.61 6.46
CA VAL A 84 -19.84 -17.87 7.64
C VAL A 84 -20.14 -16.34 7.52
N PRO A 85 -20.99 -15.78 8.46
CA PRO A 85 -21.17 -14.31 8.44
C PRO A 85 -19.90 -13.58 8.81
N LEU A 86 -19.58 -12.56 8.03
CA LEU A 86 -18.34 -11.81 8.29
C LEU A 86 -18.40 -10.41 7.68
N GLU A 87 -18.10 -9.41 8.49
CA GLU A 87 -17.91 -8.04 8.02
C GLU A 87 -16.38 -7.85 8.21
N VAL A 88 -15.65 -7.84 7.09
CA VAL A 88 -14.17 -7.83 7.19
C VAL A 88 -13.57 -6.57 7.83
N THR A 89 -14.31 -5.44 7.83
CA THR A 89 -13.77 -4.25 8.49
C THR A 89 -13.95 -4.20 10.00
N ASP A 90 -14.61 -5.21 10.56
CA ASP A 90 -14.97 -5.18 12.00
C ASP A 90 -14.12 -6.23 12.73
N PRO A 91 -13.14 -5.81 13.56
CA PRO A 91 -12.33 -6.85 14.25
C PRO A 91 -13.15 -7.86 15.05
N ALA A 92 -14.28 -7.42 15.62
CA ALA A 92 -15.14 -8.31 16.41
C ALA A 92 -15.77 -9.39 15.55
N SER A 93 -16.14 -9.04 14.34
CA SER A 93 -16.73 -9.98 13.39
C SER A 93 -15.67 -10.96 12.85
N ILE A 94 -14.46 -10.46 12.62
CA ILE A 94 -13.30 -11.29 12.31
C ILE A 94 -13.05 -12.27 13.45
N LYS A 95 -13.04 -11.77 14.65
CA LYS A 95 -12.87 -12.61 15.81
C LYS A 95 -13.88 -13.73 15.84
N ALA A 96 -15.14 -13.38 15.72
CA ALA A 96 -16.22 -14.35 15.86
C ALA A 96 -16.17 -15.39 14.72
N ALA A 97 -15.83 -14.96 13.51
CA ALA A 97 -15.70 -15.87 12.38
C ALA A 97 -14.59 -16.90 12.60
N ALA A 98 -13.44 -16.46 13.12
CA ALA A 98 -12.32 -17.37 13.36
C ALA A 98 -12.73 -18.41 14.42
N ALA A 99 -13.32 -17.92 15.50
CA ALA A 99 -13.79 -18.77 16.62
C ALA A 99 -14.78 -19.81 16.14
N SER A 100 -15.67 -19.41 15.27
CA SER A 100 -16.67 -20.29 14.67
C SER A 100 -16.07 -21.35 13.74
N VAL A 101 -15.19 -20.91 12.85
CA VAL A 101 -14.49 -21.83 11.94
C VAL A 101 -13.65 -22.85 12.72
N GLY A 102 -12.91 -22.36 13.71
CA GLY A 102 -12.13 -23.14 14.65
C GLY A 102 -12.92 -24.24 15.33
N GLU A 103 -14.15 -23.93 15.69
CA GLU A 103 -15.01 -24.88 16.35
C GLU A 103 -15.46 -25.92 15.32
N ARG A 104 -15.81 -25.49 14.12
CA ARG A 104 -16.18 -26.47 13.07
C ARG A 104 -15.04 -27.40 12.63
N LEU A 105 -13.81 -26.89 12.71
CA LEU A 105 -12.63 -27.65 12.29
C LEU A 105 -12.23 -28.75 13.27
N LYS A 106 -12.70 -28.61 14.51
CA LYS A 106 -12.57 -29.65 15.57
C LYS A 106 -11.13 -30.08 15.74
N GLY A 107 -10.23 -29.11 15.75
CA GLY A 107 -8.81 -29.36 16.01
C GLY A 107 -7.98 -29.52 14.74
N SER A 108 -8.63 -29.68 13.60
CA SER A 108 -7.94 -29.77 12.32
C SER A 108 -7.45 -28.39 11.83
N GLY A 109 -6.44 -28.39 10.96
CA GLY A 109 -5.94 -27.11 10.43
C GLY A 109 -6.77 -26.50 9.32
N LEU A 110 -6.47 -25.24 9.02
CA LEU A 110 -6.99 -24.61 7.80
C LEU A 110 -5.87 -24.62 6.80
N ASN A 111 -6.10 -25.25 5.66
CA ASN A 111 -5.06 -25.36 4.63
C ASN A 111 -4.89 -24.13 3.76
N LEU A 112 -5.98 -23.41 3.52
CA LEU A 112 -5.96 -22.39 2.47
C LEU A 112 -6.87 -21.22 2.88
N LEU A 113 -6.32 -20.00 2.89
CA LEU A 113 -7.13 -18.83 3.27
C LEU A 113 -7.05 -17.94 2.09
N ILE A 114 -8.19 -17.62 1.49
CA ILE A 114 -8.22 -16.74 0.33
C ILE A 114 -8.88 -15.40 0.71
N ASN A 115 -8.04 -14.35 0.81
CA ASN A 115 -8.52 -12.97 1.02
C ASN A 115 -8.96 -12.32 -0.26
N ASN A 116 -10.23 -12.36 -0.53
CA ASN A 116 -10.76 -11.95 -1.81
C ASN A 116 -11.69 -10.73 -1.65
N ALA A 117 -12.36 -10.63 -0.50
CA ALA A 117 -13.31 -9.53 -0.29
C ALA A 117 -12.60 -8.24 -0.63
N GLY A 118 -13.22 -7.38 -1.43
CA GLY A 118 -12.69 -6.04 -1.57
C GLY A 118 -13.60 -5.01 -2.23
N ILE A 119 -13.15 -3.75 -2.18
CA ILE A 119 -13.85 -2.63 -2.79
C ILE A 119 -12.96 -1.70 -3.61
N ALA A 120 -13.60 -1.03 -4.56
CA ALA A 120 -12.99 0.04 -5.39
C ALA A 120 -13.99 1.21 -5.45
N ARG A 121 -13.50 2.44 -5.47
CA ARG A 121 -14.40 3.57 -5.57
C ARG A 121 -13.98 4.37 -6.79
N ALA A 122 -14.86 5.24 -7.28
CA ALA A 122 -14.75 5.85 -8.62
C ALA A 122 -14.26 7.27 -8.57
N ASN A 123 -13.73 7.68 -7.45
CA ASN A 123 -13.23 9.05 -7.43
C ASN A 123 -11.84 9.26 -8.10
N THR A 124 -11.66 10.42 -8.72
CA THR A 124 -10.39 10.81 -9.37
C THR A 124 -9.43 11.47 -8.35
N ILE A 125 -8.21 11.85 -8.77
CA ILE A 125 -7.21 12.37 -7.79
C ILE A 125 -7.71 13.66 -7.06
N ASP A 126 -8.51 14.44 -7.77
CA ASP A 126 -8.95 15.73 -7.23
C ASP A 126 -10.01 15.53 -6.21
N ASN A 127 -10.78 14.46 -6.31
CA ASN A 127 -11.81 14.34 -5.33
C ASN A 127 -11.70 13.11 -4.46
N GLU A 128 -10.50 12.51 -4.43
CA GLU A 128 -10.16 11.53 -3.43
C GLU A 128 -10.35 12.12 -2.03
N THR A 129 -10.84 11.34 -1.05
CA THR A 129 -11.01 11.90 0.30
C THR A 129 -10.30 11.12 1.42
N LEU A 130 -10.12 11.72 2.58
CA LEU A 130 -9.65 11.01 3.75
C LEU A 130 -10.52 9.78 4.02
N LYS A 131 -11.82 9.96 4.10
CA LYS A 131 -12.78 8.87 4.30
C LYS A 131 -12.65 7.74 3.25
N ASP A 132 -12.61 8.09 1.98
CA ASP A 132 -12.52 7.08 0.92
C ASP A 132 -11.16 6.38 0.96
N MET A 133 -10.08 7.14 1.13
CA MET A 133 -8.72 6.50 1.25
C MET A 133 -8.64 5.55 2.43
N SER A 134 -9.12 5.99 3.58
CA SER A 134 -9.11 5.19 4.75
C SER A 134 -10.04 3.96 4.72
N GLU A 135 -11.23 4.09 4.16
CA GLU A 135 -12.13 2.95 4.13
C GLU A 135 -11.67 1.82 3.17
N VAL A 136 -11.16 2.23 2.02
CA VAL A 136 -10.73 1.27 0.97
C VAL A 136 -9.48 0.56 1.50
N TYR A 137 -8.63 1.29 2.20
CA TYR A 137 -7.48 0.68 2.89
C TYR A 137 -7.85 -0.32 3.98
N THR A 138 -8.79 0.07 4.84
CA THR A 138 -9.16 -0.89 5.84
C THR A 138 -9.77 -2.19 5.28
N THR A 139 -10.60 -2.08 4.26
CA THR A 139 -11.19 -3.26 3.62
C THR A 139 -10.16 -4.12 2.79
N ASN A 140 -9.34 -3.42 2.01
CA ASN A 140 -8.42 -4.10 1.06
C ASN A 140 -7.11 -4.53 1.64
N THR A 141 -6.70 -3.88 2.70
CA THR A 141 -5.35 -4.10 3.21
C THR A 141 -5.33 -4.51 4.64
N ILE A 142 -6.01 -3.74 5.50
CA ILE A 142 -5.96 -4.09 6.92
C ILE A 142 -6.75 -5.41 7.19
N ALA A 143 -7.91 -5.57 6.58
CA ALA A 143 -8.72 -6.77 6.83
C ALA A 143 -7.92 -8.06 6.43
N PRO A 144 -7.21 -8.06 5.26
CA PRO A 144 -6.42 -9.31 5.00
C PRO A 144 -5.41 -9.54 6.04
N LEU A 145 -4.77 -8.48 6.56
CA LEU A 145 -3.85 -8.66 7.67
C LEU A 145 -4.50 -9.31 8.92
N LEU A 146 -5.62 -8.72 9.34
CA LEU A 146 -6.31 -9.12 10.57
C LEU A 146 -6.88 -10.53 10.47
N LEU A 147 -7.40 -10.83 9.31
CA LEU A 147 -7.93 -12.18 9.02
C LEU A 147 -6.79 -13.23 9.08
N SER A 148 -5.66 -12.90 8.45
CA SER A 148 -4.46 -13.73 8.53
C SER A 148 -4.03 -13.95 9.99
N GLN A 149 -3.99 -12.88 10.79
CA GLN A 149 -3.63 -13.02 12.21
C GLN A 149 -4.63 -13.96 12.90
N ALA A 150 -5.92 -13.78 12.65
CA ALA A 150 -6.94 -14.54 13.37
C ALA A 150 -6.96 -16.02 12.93
N PHE A 151 -6.62 -16.29 11.67
CA PHE A 151 -6.57 -17.67 11.21
C PHE A 151 -5.17 -18.32 11.40
N LEU A 152 -4.19 -17.53 11.84
CA LEU A 152 -2.82 -18.05 11.97
C LEU A 152 -2.71 -19.39 12.76
N PRO A 153 -3.43 -19.52 13.89
CA PRO A 153 -3.31 -20.75 14.68
C PRO A 153 -3.70 -21.95 13.83
N MET A 154 -4.77 -21.81 13.05
CA MET A 154 -5.27 -22.89 12.23
C MET A 154 -4.45 -23.18 10.96
N LEU A 155 -3.92 -22.13 10.34
CA LEU A 155 -2.91 -22.27 9.28
C LEU A 155 -1.64 -23.03 9.77
N LYS A 156 -1.18 -22.66 10.95
CA LYS A 156 -0.01 -23.28 11.56
C LYS A 156 -0.28 -24.72 11.89
N LYS A 157 -1.50 -25.01 12.35
CA LYS A 157 -1.91 -26.39 12.60
C LYS A 157 -1.89 -27.22 11.31
N ALA A 158 -2.37 -26.64 10.20
CA ALA A 158 -2.27 -27.33 8.92
C ALA A 158 -0.81 -27.61 8.49
N ALA A 159 0.08 -26.66 8.76
CA ALA A 159 1.51 -26.78 8.43
C ALA A 159 2.11 -27.92 9.27
N GLN A 160 1.76 -27.95 10.54
CA GLN A 160 2.20 -28.98 11.46
C GLN A 160 1.71 -30.38 11.12
N GLU A 161 0.61 -30.44 10.43
CA GLU A 161 0.03 -31.69 9.95
C GLU A 161 0.81 -32.31 8.81
N ASN A 162 1.62 -31.52 8.11
CA ASN A 162 2.39 -31.92 6.93
C ASN A 162 3.82 -31.47 7.12
N PRO A 163 4.50 -31.98 8.16
CA PRO A 163 5.75 -31.38 8.62
C PRO A 163 6.87 -31.34 7.61
N GLY A 164 7.75 -30.36 7.69
CA GLY A 164 8.86 -30.30 6.77
C GLY A 164 9.17 -29.01 6.05
N SER A 165 10.29 -28.98 5.35
CA SER A 165 10.78 -27.78 4.71
C SER A 165 9.92 -27.17 3.62
N GLY A 166 9.15 -27.98 2.92
CA GLY A 166 8.38 -27.52 1.78
C GLY A 166 7.23 -26.56 2.06
N LEU A 167 6.74 -25.88 1.04
CA LEU A 167 5.64 -24.94 1.20
C LEU A 167 4.79 -25.24 -0.01
N SER A 168 3.47 -25.18 0.14
CA SER A 168 2.57 -25.28 -1.05
C SER A 168 1.13 -24.80 -0.73
N CYS A 169 0.29 -24.67 -1.73
CA CYS A 169 -1.06 -24.27 -1.47
C CYS A 169 -1.92 -25.45 -1.00
N SER A 170 -1.36 -26.67 -0.99
CA SER A 170 -2.09 -27.84 -0.49
C SER A 170 -1.78 -27.99 1.00
N LYS A 171 -0.66 -27.43 1.45
CA LYS A 171 -0.22 -27.56 2.85
C LYS A 171 -0.81 -26.45 3.77
N ALA A 172 -0.29 -25.23 3.69
CA ALA A 172 -0.84 -24.12 4.47
C ALA A 172 -0.48 -22.89 3.70
N ALA A 173 -1.48 -22.13 3.25
CA ALA A 173 -1.23 -20.97 2.34
C ALA A 173 -2.21 -19.79 2.62
N ILE A 174 -1.75 -18.57 2.44
CA ILE A 174 -2.56 -17.39 2.40
C ILE A 174 -2.49 -16.84 0.98
N ILE A 175 -3.63 -16.68 0.38
CA ILE A 175 -3.74 -16.16 -0.93
C ILE A 175 -4.40 -14.77 -0.85
N ASN A 176 -3.68 -13.74 -1.26
CA ASN A 176 -4.23 -12.40 -1.32
C ASN A 176 -4.61 -11.97 -2.73
N ILE A 177 -5.90 -11.74 -2.97
CA ILE A 177 -6.31 -11.38 -4.32
C ILE A 177 -6.03 -9.87 -4.53
N SER A 178 -5.04 -9.55 -5.35
CA SER A 178 -4.54 -8.20 -5.48
C SER A 178 -4.91 -7.74 -6.88
N SER A 179 -4.14 -6.83 -7.47
CA SER A 179 -4.47 -6.29 -8.78
C SER A 179 -3.22 -5.65 -9.37
N THR A 180 -3.04 -5.75 -10.67
CA THR A 180 -1.98 -5.00 -11.36
C THR A 180 -2.35 -3.52 -11.43
N ALA A 181 -3.60 -3.16 -11.09
CA ALA A 181 -3.90 -1.72 -10.84
C ALA A 181 -3.05 -1.25 -9.66
N GLY A 182 -2.66 -2.17 -8.74
CA GLY A 182 -1.79 -1.88 -7.61
C GLY A 182 -0.31 -2.01 -7.93
N SER A 183 -0.01 -2.31 -9.19
CA SER A 183 1.38 -2.38 -9.62
C SER A 183 1.92 -0.96 -9.85
N ILE A 184 2.97 -0.59 -9.15
CA ILE A 184 3.50 0.77 -9.29
C ILE A 184 4.09 0.97 -10.67
N GLN A 185 4.80 -0.08 -11.09
CA GLN A 185 5.37 -0.07 -12.45
C GLN A 185 4.35 -0.06 -13.56
N ASP A 186 3.34 -0.93 -13.50
CA ASP A 186 2.41 -1.09 -14.66
C ASP A 186 1.22 -0.14 -14.62
N LEU A 187 0.68 0.09 -13.42
CA LEU A 187 -0.42 1.03 -13.24
C LEU A 187 -1.54 0.71 -14.19
N TYR A 188 -2.03 -0.53 -14.12
CA TYR A 188 -2.93 -1.09 -15.13
C TYR A 188 -4.25 -0.30 -15.13
N LEU A 189 -4.81 -0.08 -16.31
CA LEU A 189 -6.16 0.52 -16.50
C LEU A 189 -6.28 1.98 -16.08
N TRP A 190 -5.14 2.67 -16.08
CA TRP A 190 -5.07 4.10 -15.67
C TRP A 190 -6.05 5.01 -16.43
N GLN A 191 -6.17 4.80 -17.75
CA GLN A 191 -7.06 5.52 -18.63
C GLN A 191 -8.53 5.23 -18.33
N TYR A 192 -8.83 3.99 -17.88
CA TYR A 192 -10.16 3.62 -17.43
C TYR A 192 -10.56 4.25 -16.07
N GLY A 193 -9.64 4.33 -15.14
CA GLY A 193 -9.96 4.87 -13.84
C GLY A 193 -8.74 5.08 -12.99
N GLN A 194 -8.67 6.25 -12.33
CA GLN A 194 -7.52 6.61 -11.51
C GLN A 194 -7.57 5.84 -10.20
N ALA A 195 -8.69 5.97 -9.50
CA ALA A 195 -8.97 5.17 -8.28
C ALA A 195 -7.77 5.01 -7.36
N LEU A 196 -7.19 6.15 -6.94
CA LEU A 196 -6.03 6.14 -6.09
C LEU A 196 -6.20 5.33 -4.84
N SER A 197 -7.35 5.49 -4.16
CA SER A 197 -7.60 4.72 -2.93
C SER A 197 -7.46 3.19 -3.17
N TYR A 198 -8.02 2.72 -4.29
CA TYR A 198 -7.88 1.29 -4.66
C TYR A 198 -6.41 0.89 -4.97
N ARG A 199 -5.71 1.69 -5.80
CA ARG A 199 -4.34 1.40 -6.25
C ARG A 199 -3.38 1.40 -5.06
N CYS A 200 -3.52 2.42 -4.20
CA CYS A 200 -2.63 2.48 -3.01
C CYS A 200 -2.90 1.28 -2.11
N SER A 201 -4.18 0.90 -1.92
CA SER A 201 -4.48 -0.26 -1.08
C SER A 201 -3.92 -1.59 -1.67
N LYS A 202 -3.93 -1.71 -3.00
CA LYS A 202 -3.41 -2.97 -3.63
C LYS A 202 -1.89 -3.06 -3.61
N ALA A 203 -1.21 -1.92 -3.80
CA ALA A 203 0.24 -1.91 -3.60
C ALA A 203 0.60 -2.26 -2.14
N ALA A 204 -0.17 -1.75 -1.17
CA ALA A 204 0.07 -2.07 0.22
C ALA A 204 -0.21 -3.56 0.54
N LEU A 205 -1.20 -4.14 -0.14
CA LEU A 205 -1.53 -5.56 0.00
C LEU A 205 -0.35 -6.38 -0.59
N ASN A 206 0.25 -5.91 -1.69
CA ASN A 206 1.42 -6.63 -2.24
C ASN A 206 2.54 -6.63 -1.23
N MET A 207 2.74 -5.46 -0.59
CA MET A 207 3.65 -5.32 0.51
C MET A 207 3.32 -6.26 1.64
N LEU A 208 2.04 -6.27 2.06
CA LEU A 208 1.63 -7.17 3.14
C LEU A 208 2.01 -8.62 2.84
N THR A 209 1.69 -9.03 1.62
CA THR A 209 1.91 -10.43 1.18
C THR A 209 3.42 -10.78 1.28
N ARG A 210 4.25 -9.89 0.78
CA ARG A 210 5.69 -10.02 0.93
C ARG A 210 6.11 -10.22 2.39
N CYS A 211 5.68 -9.32 3.28
CA CYS A 211 6.03 -9.41 4.68
C CYS A 211 5.54 -10.75 5.28
N GLN A 212 4.31 -11.14 4.96
CA GLN A 212 3.75 -12.39 5.43
C GLN A 212 4.64 -13.56 4.94
N SER A 213 5.03 -13.53 3.68
CA SER A 213 5.85 -14.65 3.20
C SER A 213 7.13 -14.79 4.04
N MET A 214 7.69 -13.65 4.41
CA MET A 214 8.94 -13.66 5.15
C MET A 214 8.73 -14.10 6.59
N GLY A 215 7.77 -13.48 7.28
CA GLY A 215 7.55 -13.72 8.71
C GLY A 215 6.87 -15.05 8.98
N TYR A 216 6.11 -15.59 8.02
CA TYR A 216 5.41 -16.84 8.27
C TYR A 216 6.14 -18.09 7.71
N ARG A 217 7.25 -17.90 6.98
CA ARG A 217 7.97 -19.01 6.33
C ARG A 217 8.43 -20.04 7.40
N GLU A 218 8.93 -19.53 8.53
CA GLU A 218 9.43 -20.38 9.61
C GLU A 218 8.29 -21.29 10.15
N HIS A 219 7.04 -20.87 9.94
CA HIS A 219 5.88 -21.62 10.38
C HIS A 219 5.37 -22.68 9.40
N GLY A 220 5.96 -22.73 8.20
CA GLY A 220 5.48 -23.60 7.12
C GLY A 220 4.29 -23.05 6.31
N ILE A 221 4.11 -21.73 6.30
CA ILE A 221 2.95 -21.13 5.60
C ILE A 221 3.38 -20.39 4.33
N PHE A 222 2.78 -20.74 3.20
CA PHE A 222 3.07 -20.16 1.92
C PHE A 222 2.18 -18.91 1.74
N CYS A 223 2.69 -17.85 1.10
CA CYS A 223 1.88 -16.64 0.82
C CYS A 223 2.10 -16.16 -0.59
N VAL A 224 1.06 -15.64 -1.23
CA VAL A 224 1.21 -15.20 -2.61
C VAL A 224 0.12 -14.15 -2.92
N ALA A 225 0.39 -13.22 -3.83
CA ALA A 225 -0.59 -12.21 -4.27
C ALA A 225 -0.95 -12.61 -5.68
N LEU A 226 -2.23 -12.65 -6.04
CA LEU A 226 -2.66 -12.94 -7.41
C LEU A 226 -3.43 -11.80 -8.07
N HIS A 227 -3.13 -11.53 -9.30
CA HIS A 227 -3.98 -10.70 -10.12
C HIS A 227 -4.90 -11.61 -10.91
N PRO A 228 -6.25 -11.45 -10.77
CA PRO A 228 -7.26 -12.34 -11.34
C PRO A 228 -7.56 -12.00 -12.75
N GLY A 229 -6.95 -10.97 -13.26
CA GLY A 229 -7.23 -10.52 -14.60
C GLY A 229 -8.27 -9.38 -14.50
N TRP A 230 -8.75 -8.89 -15.63
CA TRP A 230 -9.87 -7.92 -15.61
C TRP A 230 -11.17 -8.71 -15.82
N VAL A 231 -11.87 -8.91 -14.71
CA VAL A 231 -12.86 -9.95 -14.61
C VAL A 231 -14.24 -9.32 -14.75
N LYS A 232 -15.11 -10.01 -15.49
CA LYS A 232 -16.51 -9.61 -15.70
C LYS A 232 -17.34 -9.81 -14.42
N THR A 233 -17.30 -8.80 -13.53
CA THR A 233 -17.99 -8.86 -12.24
C THR A 233 -18.57 -7.46 -12.06
N ASP A 234 -19.23 -7.18 -10.95
CA ASP A 234 -19.66 -5.83 -10.72
C ASP A 234 -18.48 -4.91 -10.52
N MET A 235 -17.38 -5.38 -9.93
CA MET A 235 -16.24 -4.47 -9.77
C MET A 235 -15.55 -4.22 -11.07
N GLY A 236 -15.39 -5.26 -11.87
CA GLY A 236 -14.71 -5.06 -13.16
C GLY A 236 -15.53 -4.27 -14.17
N GLY A 237 -16.85 -4.25 -14.01
CA GLY A 237 -17.72 -3.52 -14.91
C GLY A 237 -18.19 -4.24 -16.17
N THR A 238 -18.91 -3.48 -16.99
CA THR A 238 -19.62 -3.91 -18.22
C THR A 238 -18.79 -3.84 -19.53
N LEU A 239 -17.67 -3.14 -19.54
CA LEU A 239 -17.01 -2.79 -20.80
C LEU A 239 -16.56 -4.06 -21.60
N GLU A 240 -17.05 -4.16 -22.85
CA GLU A 240 -16.69 -5.18 -23.84
C GLU A 240 -15.20 -5.01 -24.20
N ASP A 241 -14.37 -6.02 -23.92
CA ASP A 241 -12.95 -5.90 -24.20
C ASP A 241 -12.29 -7.28 -24.33
N LYS A 242 -11.56 -7.44 -25.43
CA LYS A 242 -10.76 -8.65 -25.70
C LYS A 242 -9.93 -9.15 -24.49
N SER A 243 -9.48 -8.22 -23.64
CA SER A 243 -8.65 -8.57 -22.49
C SER A 243 -9.40 -9.23 -21.38
N ARG A 244 -10.73 -9.09 -21.38
CA ARG A 244 -11.53 -9.55 -20.24
C ARG A 244 -11.68 -11.04 -20.10
N VAL A 245 -11.69 -11.49 -18.87
CA VAL A 245 -11.97 -12.88 -18.62
C VAL A 245 -13.26 -12.99 -17.85
N THR A 246 -13.87 -14.17 -17.95
CA THR A 246 -15.02 -14.52 -17.14
C THR A 246 -14.48 -14.98 -15.78
N VAL A 247 -15.36 -15.03 -14.80
CA VAL A 247 -15.07 -15.53 -13.48
C VAL A 247 -14.57 -16.96 -13.58
N ASP A 248 -15.17 -17.74 -14.50
CA ASP A 248 -14.76 -19.15 -14.63
C ASP A 248 -13.33 -19.26 -15.13
N GLU A 249 -13.00 -18.41 -16.09
CA GLU A 249 -11.65 -18.39 -16.68
C GLU A 249 -10.63 -17.90 -15.66
N SER A 250 -10.99 -16.83 -14.94
CA SER A 250 -10.09 -16.21 -13.97
C SER A 250 -9.89 -17.22 -12.84
N VAL A 251 -10.96 -17.70 -12.21
CA VAL A 251 -10.72 -18.63 -11.14
C VAL A 251 -10.18 -20.00 -11.51
N GLY A 252 -10.58 -20.53 -12.66
CA GLY A 252 -10.02 -21.84 -13.15
C GLY A 252 -8.52 -21.65 -13.33
N GLY A 253 -8.13 -20.51 -13.89
CA GLY A 253 -6.71 -20.17 -14.04
C GLY A 253 -6.00 -20.06 -12.69
N MET A 254 -6.54 -19.23 -11.76
CA MET A 254 -5.90 -19.08 -10.45
C MET A 254 -5.70 -20.39 -9.70
N LEU A 255 -6.66 -21.29 -9.82
CA LEU A 255 -6.53 -22.52 -9.08
C LEU A 255 -5.42 -23.40 -9.73
N LYS A 256 -5.30 -23.37 -11.05
CA LYS A 256 -4.16 -24.09 -11.72
C LYS A 256 -2.81 -23.51 -11.24
N VAL A 257 -2.74 -22.16 -11.23
CA VAL A 257 -1.58 -21.48 -10.66
C VAL A 257 -1.30 -21.97 -9.30
N LEU A 258 -2.27 -21.96 -8.37
CA LEU A 258 -1.94 -22.39 -6.98
C LEU A 258 -1.47 -23.86 -6.95
N SER A 259 -2.10 -24.67 -7.79
CA SER A 259 -1.78 -26.13 -7.84
C SER A 259 -0.31 -26.35 -8.20
N ASN A 260 0.33 -25.37 -8.85
CA ASN A 260 1.72 -25.51 -9.30
C ASN A 260 2.81 -24.85 -8.46
N LEU A 261 2.43 -24.04 -7.44
CA LEU A 261 3.41 -23.26 -6.70
C LEU A 261 4.17 -24.06 -5.65
N SER A 262 5.45 -23.73 -5.45
CA SER A 262 6.20 -24.34 -4.38
C SER A 262 6.90 -23.27 -3.60
N GLU A 263 7.72 -23.69 -2.68
CA GLU A 263 8.22 -22.72 -1.73
C GLU A 263 9.07 -21.64 -2.38
N LYS A 264 9.67 -21.91 -3.54
CA LYS A 264 10.42 -20.84 -4.20
C LYS A 264 9.50 -19.68 -4.59
N ASP A 265 8.22 -19.94 -4.69
CA ASP A 265 7.25 -18.90 -5.17
C ASP A 265 6.60 -18.09 -4.04
N SER A 266 6.95 -18.36 -2.79
CA SER A 266 6.29 -17.69 -1.66
C SER A 266 6.65 -16.20 -1.68
N GLY A 267 5.64 -15.33 -1.64
CA GLY A 267 5.80 -13.89 -1.72
C GLY A 267 5.83 -13.32 -3.13
N ALA A 268 5.56 -14.13 -4.15
CA ALA A 268 5.50 -13.65 -5.50
C ALA A 268 4.13 -12.92 -5.71
N PHE A 269 4.06 -12.19 -6.81
CA PHE A 269 2.87 -11.53 -7.36
C PHE A 269 2.71 -12.16 -8.74
N LEU A 270 1.63 -12.90 -8.94
CA LEU A 270 1.41 -13.66 -10.16
C LEU A 270 0.06 -13.34 -10.71
N ASN A 271 -0.13 -13.43 -12.01
CA ASN A 271 -1.51 -13.37 -12.52
C ASN A 271 -2.21 -14.73 -12.71
N TRP A 272 -3.45 -14.69 -13.21
CA TRP A 272 -4.30 -15.88 -13.34
C TRP A 272 -3.74 -16.84 -14.38
N GLU A 273 -2.83 -16.32 -15.22
CA GLU A 273 -2.12 -17.11 -16.30
C GLU A 273 -0.83 -17.76 -15.81
N GLY A 274 -0.42 -17.42 -14.60
CA GLY A 274 0.83 -17.92 -14.00
C GLY A 274 2.01 -17.03 -14.30
N LYS A 275 1.80 -15.94 -14.99
CA LYS A 275 2.89 -14.97 -15.24
C LYS A 275 3.32 -14.18 -14.01
N VAL A 276 4.58 -13.78 -13.95
CA VAL A 276 5.13 -13.02 -12.84
C VAL A 276 4.79 -11.52 -13.09
N MET A 277 4.13 -10.86 -12.12
CA MET A 277 3.72 -9.43 -12.32
C MET A 277 4.72 -8.51 -11.62
N ALA A 278 4.97 -7.35 -12.22
CA ALA A 278 5.93 -6.40 -11.63
C ALA A 278 5.24 -5.65 -10.47
N TRP A 279 5.96 -5.41 -9.41
CA TRP A 279 5.40 -4.67 -8.27
C TRP A 279 5.14 -3.18 -8.58
N LEU B 24 19.72 24.32 -8.91
CA LEU B 24 18.54 24.35 -7.94
C LEU B 24 18.22 25.75 -7.36
N ARG B 25 17.23 26.41 -7.97
CA ARG B 25 16.81 27.72 -7.57
C ARG B 25 15.28 27.73 -7.49
N VAL B 26 14.78 27.75 -6.27
CA VAL B 26 13.34 27.74 -6.04
C VAL B 26 13.03 29.00 -5.24
N ARG B 27 12.03 29.77 -5.65
CA ARG B 27 11.65 30.94 -4.87
C ARG B 27 10.84 30.62 -3.64
N SER B 28 10.05 29.53 -3.67
CA SER B 28 9.32 29.15 -2.47
C SER B 28 9.26 27.61 -2.33
N VAL B 29 9.33 27.16 -1.06
CA VAL B 29 9.29 25.73 -0.70
C VAL B 29 8.53 25.64 0.58
N LEU B 30 7.78 24.57 0.75
CA LEU B 30 7.13 24.19 2.00
C LEU B 30 7.63 22.78 2.39
N VAL B 31 8.12 22.61 3.62
CA VAL B 31 8.56 21.34 4.21
C VAL B 31 7.67 20.98 5.41
N THR B 32 7.00 19.81 5.37
CA THR B 32 6.27 19.28 6.54
C THR B 32 7.20 18.59 7.54
N GLY B 33 6.85 18.56 8.82
CA GLY B 33 7.71 17.86 9.82
C GLY B 33 9.08 18.49 9.85
N ALA B 34 9.09 19.82 9.92
CA ALA B 34 10.27 20.61 9.73
C ALA B 34 11.05 20.95 10.99
N ASN B 35 10.58 20.51 12.14
CA ASN B 35 11.15 20.96 13.41
C ASN B 35 12.32 20.12 13.88
N ARG B 36 12.45 18.89 13.37
CA ARG B 36 13.53 18.01 13.82
C ARG B 36 13.84 17.00 12.69
N GLY B 37 14.91 16.23 12.86
CA GLY B 37 15.31 15.19 11.93
C GLY B 37 15.56 15.72 10.53
N ILE B 38 15.14 14.93 9.53
CA ILE B 38 15.35 15.31 8.11
C ILE B 38 14.64 16.60 7.72
N GLY B 39 13.42 16.81 8.19
CA GLY B 39 12.68 18.01 7.78
C GLY B 39 13.43 19.26 8.24
N LEU B 40 13.98 19.25 9.46
CA LEU B 40 14.76 20.43 9.94
C LEU B 40 16.02 20.58 9.07
N GLY B 41 16.65 19.44 8.75
CA GLY B 41 17.79 19.44 7.80
C GLY B 41 17.44 20.10 6.49
N PHE B 42 16.28 19.81 5.94
CA PHE B 42 15.88 20.47 4.72
C PHE B 42 15.82 21.98 4.88
N VAL B 43 15.16 22.43 5.95
CA VAL B 43 15.09 23.88 6.23
C VAL B 43 16.46 24.51 6.30
N GLN B 44 17.35 23.97 7.12
CA GLN B 44 18.68 24.55 7.26
C GLN B 44 19.38 24.65 5.88
N HIS B 45 19.34 23.55 5.10
CA HIS B 45 20.07 23.52 3.80
C HIS B 45 19.45 24.44 2.80
N LEU B 46 18.12 24.44 2.72
CA LEU B 46 17.42 25.38 1.83
C LEU B 46 17.72 26.87 2.10
N LEU B 47 17.84 27.24 3.36
CA LEU B 47 18.20 28.64 3.70
C LEU B 47 19.63 28.94 3.31
N ALA B 48 20.47 27.90 3.33
CA ALA B 48 21.87 28.04 3.02
C ALA B 48 22.23 27.82 1.56
N LEU B 49 21.24 27.75 0.66
CA LEU B 49 21.51 27.62 -0.79
C LEU B 49 22.16 28.86 -1.40
N SER B 50 22.94 28.65 -2.46
CA SER B 50 23.64 29.72 -3.15
C SER B 50 22.68 30.84 -3.46
N ASN B 51 21.54 30.50 -4.02
CA ASN B 51 20.44 31.44 -4.14
C ASN B 51 19.26 30.99 -3.27
N PRO B 52 19.13 31.56 -2.05
CA PRO B 52 18.16 30.93 -1.16
C PRO B 52 16.73 31.27 -1.57
N PRO B 53 15.75 30.44 -1.18
CA PRO B 53 14.39 30.84 -1.53
C PRO B 53 13.96 32.18 -0.90
N GLU B 54 13.02 32.87 -1.55
CA GLU B 54 12.31 33.99 -0.97
C GLU B 54 11.48 33.59 0.24
N TRP B 55 10.86 32.42 0.17
CA TRP B 55 10.04 31.92 1.26
C TRP B 55 10.34 30.43 1.50
N VAL B 56 10.71 30.08 2.73
CA VAL B 56 10.80 28.71 3.20
C VAL B 56 9.70 28.57 4.24
N PHE B 57 8.66 27.81 3.94
CA PHE B 57 7.62 27.55 4.94
C PHE B 57 7.92 26.23 5.65
N ALA B 58 8.19 26.30 6.94
CA ALA B 58 8.51 25.10 7.74
C ALA B 58 7.32 24.77 8.61
N THR B 59 6.66 23.62 8.39
CA THR B 59 5.44 23.33 9.20
C THR B 59 5.77 22.53 10.42
N CYS B 60 4.96 22.65 11.46
CA CYS B 60 5.08 21.74 12.59
C CYS B 60 3.85 21.73 13.44
N ARG B 61 3.79 20.72 14.27
CA ARG B 61 2.61 20.38 15.05
C ARG B 61 2.45 21.35 16.20
N ASP B 62 3.55 21.62 16.89
CA ASP B 62 3.46 22.47 18.06
C ASP B 62 4.53 23.55 18.07
N PRO B 63 4.23 24.69 17.41
CA PRO B 63 5.18 25.76 17.25
C PRO B 63 5.57 26.44 18.56
N LYS B 64 4.78 26.21 19.61
CA LYS B 64 5.03 26.69 20.98
C LYS B 64 5.70 25.64 21.89
N GLY B 65 6.16 24.52 21.34
CA GLY B 65 6.68 23.43 22.18
C GLY B 65 8.20 23.51 22.17
N GLN B 66 8.85 22.84 23.11
CA GLN B 66 10.31 22.78 23.13
C GLN B 66 10.87 22.24 21.81
N ARG B 67 10.14 21.31 21.20
CA ARG B 67 10.68 20.68 19.98
C ARG B 67 10.66 21.58 18.76
N ALA B 68 10.04 22.77 18.91
CA ALA B 68 9.98 23.78 17.86
C ALA B 68 11.05 24.86 17.99
N GLN B 69 11.87 24.77 19.02
CA GLN B 69 12.73 25.90 19.37
C GLN B 69 13.85 26.12 18.40
N GLU B 70 14.45 25.02 17.97
CA GLU B 70 15.53 25.16 17.01
C GLU B 70 15.01 25.89 15.79
N LEU B 71 13.83 25.51 15.32
CA LEU B 71 13.20 26.24 14.24
C LEU B 71 12.90 27.69 14.60
N GLN B 72 12.45 27.92 15.84
CA GLN B 72 12.06 29.28 16.22
C GLN B 72 13.24 30.18 16.13
N LYS B 73 14.40 29.71 16.57
CA LYS B 73 15.56 30.59 16.55
C LYS B 73 16.00 30.83 15.14
N LEU B 74 15.95 29.78 14.32
CA LEU B 74 16.25 29.92 12.91
C LEU B 74 15.38 31.02 12.32
N ALA B 75 14.08 31.03 12.62
CA ALA B 75 13.18 32.07 12.09
C ALA B 75 13.52 33.50 12.62
N SER B 76 14.15 33.58 13.78
CA SER B 76 14.49 34.91 14.36
C SER B 76 15.71 35.48 13.62
N LYS B 77 16.49 34.61 12.97
CA LYS B 77 17.65 35.00 12.16
C LYS B 77 17.40 35.04 10.63
N HIS B 78 16.22 34.62 10.17
CA HIS B 78 15.98 34.49 8.74
C HIS B 78 14.55 34.92 8.44
N PRO B 79 14.34 36.16 7.92
CA PRO B 79 12.98 36.72 7.68
C PRO B 79 12.28 35.92 6.60
N ASN B 80 13.16 35.31 5.81
CA ASN B 80 12.97 34.19 4.92
C ASN B 80 12.06 33.02 5.37
N LEU B 81 12.18 32.65 6.65
CA LEU B 81 11.57 31.44 7.20
C LEU B 81 10.25 31.73 7.95
N VAL B 82 9.17 31.05 7.53
CA VAL B 82 7.83 31.20 8.10
C VAL B 82 7.45 29.89 8.74
N ILE B 83 7.24 29.90 10.06
CA ILE B 83 6.85 28.67 10.77
C ILE B 83 5.34 28.61 10.69
N VAL B 84 4.77 27.50 10.23
CA VAL B 84 3.34 27.38 10.03
C VAL B 84 2.87 26.21 10.87
N PRO B 85 1.85 26.40 11.74
CA PRO B 85 1.34 25.24 12.50
C PRO B 85 0.61 24.27 11.57
N LEU B 86 0.83 22.98 11.76
CA LEU B 86 0.19 21.95 10.89
C LEU B 86 0.11 20.62 11.55
N GLU B 87 -1.11 20.10 11.68
CA GLU B 87 -1.40 18.72 12.00
C GLU B 87 -1.77 17.99 10.68
N VAL B 88 -0.83 17.17 10.14
CA VAL B 88 -1.04 16.74 8.74
C VAL B 88 -2.21 15.77 8.57
N THR B 89 -2.69 15.17 9.65
CA THR B 89 -3.82 14.24 9.55
C THR B 89 -5.21 14.95 9.65
N ASP B 90 -5.19 16.26 9.91
CA ASP B 90 -6.44 17.05 10.15
C ASP B 90 -6.78 17.93 8.96
N PRO B 91 -7.85 17.59 8.21
CA PRO B 91 -8.18 18.39 7.02
C PRO B 91 -8.38 19.91 7.27
N ALA B 92 -8.84 20.28 8.48
CA ALA B 92 -9.08 21.71 8.83
C ALA B 92 -7.73 22.40 9.06
N SER B 93 -6.82 21.72 9.76
CA SER B 93 -5.45 22.22 9.96
C SER B 93 -4.75 22.42 8.60
N ILE B 94 -4.96 21.47 7.68
CA ILE B 94 -4.38 21.51 6.32
C ILE B 94 -4.97 22.74 5.56
N LYS B 95 -6.28 22.89 5.61
CA LYS B 95 -6.94 24.06 5.08
C LYS B 95 -6.41 25.40 5.57
N ALA B 96 -6.28 25.56 6.88
CA ALA B 96 -5.76 26.78 7.48
C ALA B 96 -4.31 27.02 7.09
N ALA B 97 -3.51 25.94 7.04
CA ALA B 97 -2.09 26.09 6.69
C ALA B 97 -1.97 26.59 5.24
N ALA B 98 -2.84 26.08 4.35
CA ALA B 98 -2.85 26.48 2.93
C ALA B 98 -3.38 27.93 2.70
N ALA B 99 -4.41 28.34 3.43
CA ALA B 99 -4.91 29.76 3.37
C ALA B 99 -3.77 30.68 3.78
N SER B 100 -3.15 30.32 4.89
CA SER B 100 -2.10 31.08 5.56
C SER B 100 -0.83 31.21 4.70
N VAL B 101 -0.41 30.12 4.04
CA VAL B 101 0.72 30.33 3.18
C VAL B 101 0.32 31.05 1.91
N GLY B 102 -0.90 30.83 1.44
CA GLY B 102 -1.38 31.48 0.22
C GLY B 102 -1.43 33.02 0.35
N GLU B 103 -1.83 33.46 1.55
CA GLU B 103 -1.87 34.89 1.92
C GLU B 103 -0.43 35.48 1.97
N ARG B 104 0.54 34.73 2.50
CA ARG B 104 1.93 35.18 2.49
C ARG B 104 2.53 35.23 1.07
N LEU B 105 2.13 34.29 0.19
CA LEU B 105 2.67 34.30 -1.19
C LEU B 105 2.02 35.37 -2.06
N LYS B 106 0.95 35.97 -1.49
CA LYS B 106 0.12 36.97 -2.17
C LYS B 106 -0.05 36.61 -3.63
N GLY B 107 -0.74 35.49 -3.86
CA GLY B 107 -0.94 34.92 -5.21
C GLY B 107 0.30 34.54 -6.02
N SER B 108 1.48 34.56 -5.41
CA SER B 108 2.62 33.96 -6.04
C SER B 108 2.56 32.41 -5.85
N GLY B 109 3.37 31.68 -6.60
CA GLY B 109 3.22 30.21 -6.62
C GLY B 109 3.98 29.54 -5.52
N LEU B 110 3.76 28.23 -5.34
CA LEU B 110 4.62 27.44 -4.48
C LEU B 110 5.44 26.55 -5.42
N ASN B 111 6.76 26.69 -5.45
CA ASN B 111 7.56 25.85 -6.38
C ASN B 111 7.72 24.40 -5.92
N LEU B 112 7.79 24.20 -4.61
CA LEU B 112 8.25 22.93 -4.07
C LEU B 112 7.54 22.54 -2.73
N LEU B 113 6.86 21.38 -2.77
CA LEU B 113 6.18 20.82 -1.62
C LEU B 113 6.99 19.57 -1.21
N ILE B 114 7.52 19.55 0.01
CA ILE B 114 8.24 18.38 0.47
C ILE B 114 7.38 17.78 1.57
N ASN B 115 6.76 16.64 1.25
CA ASN B 115 6.01 15.81 2.22
C ASN B 115 7.00 14.94 2.95
N ASN B 116 7.35 15.37 4.14
CA ASN B 116 8.40 14.75 4.89
C ASN B 116 7.87 14.19 6.21
N ALA B 117 6.85 14.84 6.81
CA ALA B 117 6.39 14.41 8.14
C ALA B 117 5.95 12.92 8.01
N GLY B 118 6.34 12.11 8.97
CA GLY B 118 5.94 10.73 9.00
C GLY B 118 6.15 10.08 10.33
N ILE B 119 5.58 8.89 10.48
CA ILE B 119 5.72 8.07 11.66
C ILE B 119 6.00 6.59 11.36
N ALA B 120 6.54 5.90 12.35
CA ALA B 120 6.71 4.45 12.27
C ALA B 120 6.40 3.89 13.65
N ARG B 121 5.82 2.72 13.69
CA ARG B 121 5.49 2.09 14.93
C ARG B 121 6.16 0.71 15.00
N ALA B 122 6.73 0.35 16.12
CA ALA B 122 7.51 -0.88 16.12
C ALA B 122 6.62 -2.12 16.46
N ASN B 123 5.69 -2.47 15.58
CA ASN B 123 4.80 -3.63 15.79
C ASN B 123 5.29 -4.74 14.95
N THR B 124 5.19 -5.92 15.48
CA THR B 124 5.55 -7.10 14.73
C THR B 124 4.33 -7.51 13.91
N ILE B 125 4.50 -8.38 12.93
CA ILE B 125 3.35 -8.76 12.13
C ILE B 125 2.18 -9.28 13.03
N ASP B 126 2.48 -10.10 14.02
CA ASP B 126 1.47 -10.62 14.91
C ASP B 126 0.76 -9.57 15.78
N ASN B 127 1.43 -8.45 16.07
CA ASN B 127 0.91 -7.38 16.98
C ASN B 127 0.23 -6.23 16.23
N GLU B 128 0.41 -6.21 14.93
CA GLU B 128 -0.14 -5.16 14.11
C GLU B 128 -1.64 -5.07 14.37
N THR B 129 -2.13 -3.86 14.47
CA THR B 129 -3.51 -3.61 14.78
C THR B 129 -4.22 -2.77 13.74
N LEU B 130 -5.53 -2.69 13.78
CA LEU B 130 -6.26 -1.80 12.90
C LEU B 130 -5.91 -0.33 13.15
N LYS B 131 -5.70 0.01 14.41
CA LYS B 131 -5.45 1.37 14.84
C LYS B 131 -4.15 1.88 14.29
N ASP B 132 -3.10 1.13 14.53
CA ASP B 132 -1.78 1.45 14.03
C ASP B 132 -1.68 1.40 12.52
N MET B 133 -2.24 0.37 11.89
CA MET B 133 -2.24 0.31 10.42
C MET B 133 -2.91 1.55 9.86
N SER B 134 -4.04 1.92 10.47
CA SER B 134 -4.79 3.06 9.99
C SER B 134 -4.07 4.37 10.23
N GLU B 135 -3.60 4.59 11.46
CA GLU B 135 -2.99 5.91 11.79
C GLU B 135 -1.66 6.12 11.03
N VAL B 136 -0.87 5.05 10.90
CA VAL B 136 0.34 5.18 10.13
C VAL B 136 0.02 5.53 8.66
N TYR B 137 -1.01 4.89 8.10
CA TYR B 137 -1.39 5.12 6.74
C TYR B 137 -1.89 6.56 6.59
N THR B 138 -2.69 7.03 7.53
CA THR B 138 -3.22 8.39 7.28
C THR B 138 -2.12 9.45 7.40
N THR B 139 -1.14 9.25 8.28
CA THR B 139 -0.01 10.22 8.35
C THR B 139 0.93 10.10 7.15
N ASN B 140 1.22 8.86 6.72
CA ASN B 140 2.34 8.61 5.78
C ASN B 140 1.90 8.63 4.34
N THR B 141 0.60 8.35 4.15
CA THR B 141 0.06 8.21 2.80
C THR B 141 -1.10 9.16 2.48
N ILE B 142 -2.13 9.17 3.33
CA ILE B 142 -3.29 9.99 3.01
C ILE B 142 -2.86 11.46 3.14
N ALA B 143 -2.06 11.79 4.13
CA ALA B 143 -1.72 13.20 4.35
C ALA B 143 -0.94 13.83 3.17
N PRO B 144 0.08 13.11 2.63
CA PRO B 144 0.65 13.67 1.40
C PRO B 144 -0.34 13.88 0.27
N LEU B 145 -1.34 13.03 0.12
CA LEU B 145 -2.36 13.29 -0.88
C LEU B 145 -3.14 14.58 -0.53
N LEU B 146 -3.59 14.69 0.71
CA LEU B 146 -4.45 15.87 1.08
C LEU B 146 -3.69 17.16 0.91
N LEU B 147 -2.45 17.17 1.35
CA LEU B 147 -1.60 18.33 1.25
C LEU B 147 -1.30 18.72 -0.19
N SER B 148 -1.07 17.73 -1.07
CA SER B 148 -0.93 18.01 -2.50
C SER B 148 -2.20 18.57 -3.13
N GLN B 149 -3.35 18.05 -2.77
CA GLN B 149 -4.61 18.60 -3.24
C GLN B 149 -4.74 20.09 -2.78
N ALA B 150 -4.46 20.34 -1.51
CA ALA B 150 -4.65 21.67 -0.91
C ALA B 150 -3.67 22.72 -1.48
N PHE B 151 -2.44 22.31 -1.76
CA PHE B 151 -1.50 23.20 -2.40
C PHE B 151 -1.49 23.14 -3.90
N LEU B 152 -2.35 22.33 -4.50
CA LEU B 152 -2.36 22.21 -5.96
C LEU B 152 -2.47 23.62 -6.60
N PRO B 153 -3.43 24.44 -6.13
CA PRO B 153 -3.58 25.78 -6.78
C PRO B 153 -2.27 26.54 -6.85
N MET B 154 -1.50 26.54 -5.78
CA MET B 154 -0.21 27.24 -5.73
C MET B 154 0.89 26.60 -6.55
N LEU B 155 0.91 25.27 -6.60
CA LEU B 155 1.85 24.54 -7.46
C LEU B 155 1.53 24.84 -8.92
N LYS B 156 0.25 24.81 -9.28
CA LYS B 156 -0.17 25.15 -10.64
C LYS B 156 0.31 26.56 -11.06
N LYS B 157 0.08 27.53 -10.19
CA LYS B 157 0.52 28.90 -10.41
C LYS B 157 2.01 28.88 -10.71
N ALA B 158 2.78 28.20 -9.89
CA ALA B 158 4.23 28.18 -10.04
C ALA B 158 4.67 27.57 -11.36
N ALA B 159 3.91 26.60 -11.86
CA ALA B 159 4.25 25.93 -13.13
C ALA B 159 4.05 26.93 -14.28
N GLN B 160 3.03 27.76 -14.12
CA GLN B 160 2.62 28.77 -15.11
C GLN B 160 3.51 30.01 -15.17
N GLU B 161 4.00 30.46 -14.02
CA GLU B 161 5.06 31.47 -13.94
C GLU B 161 6.33 31.04 -14.69
N GLY B 166 9.04 21.45 -19.67
CA GLY B 166 9.15 20.14 -19.06
C GLY B 166 8.87 20.32 -17.57
N LEU B 167 9.58 19.52 -16.78
CA LEU B 167 9.24 19.28 -15.41
C LEU B 167 10.54 19.21 -14.65
N SER B 168 10.67 20.11 -13.68
CA SER B 168 11.87 20.20 -12.88
C SER B 168 11.42 20.58 -11.49
N CYS B 169 12.34 20.45 -10.56
CA CYS B 169 12.07 20.74 -9.17
C CYS B 169 12.17 22.21 -8.90
N SER B 170 12.92 22.91 -9.77
CA SER B 170 12.99 24.35 -9.69
C SER B 170 11.68 25.00 -10.16
N LYS B 171 10.86 24.25 -10.91
CA LYS B 171 9.62 24.78 -11.52
C LYS B 171 8.37 24.57 -10.61
N ALA B 172 7.88 23.34 -10.58
CA ALA B 172 6.76 22.99 -9.73
C ALA B 172 6.85 21.48 -9.45
N ALA B 173 7.03 21.12 -8.18
CA ALA B 173 7.26 19.74 -7.82
C ALA B 173 6.68 19.36 -6.46
N ILE B 174 6.28 18.13 -6.38
CA ILE B 174 5.91 17.48 -5.15
C ILE B 174 6.97 16.39 -4.82
N ILE B 175 7.65 16.53 -3.70
CA ILE B 175 8.65 15.57 -3.26
C ILE B 175 8.12 14.74 -2.07
N ASN B 176 7.92 13.45 -2.27
CA ASN B 176 7.49 12.60 -1.19
C ASN B 176 8.63 11.83 -0.60
N ILE B 177 8.87 12.05 0.70
CA ILE B 177 9.98 11.33 1.33
C ILE B 177 9.47 9.93 1.71
N SER B 178 10.02 8.94 1.00
CA SER B 178 9.58 7.58 1.18
C SER B 178 10.70 6.77 1.85
N SER B 179 10.69 5.45 1.63
CA SER B 179 11.75 4.63 2.24
C SER B 179 11.87 3.33 1.46
N THR B 180 13.09 2.77 1.36
CA THR B 180 13.23 1.39 0.77
C THR B 180 12.71 0.34 1.76
N ALA B 181 12.39 0.75 3.00
CA ALA B 181 11.56 -0.16 3.82
C ALA B 181 10.23 -0.45 3.12
N GLY B 182 9.80 0.48 2.28
CA GLY B 182 8.52 0.32 1.58
C GLY B 182 8.76 -0.26 0.20
N SER B 183 9.99 -0.69 -0.06
CA SER B 183 10.25 -1.38 -1.35
C SER B 183 9.76 -2.81 -1.22
N ILE B 184 8.80 -3.20 -2.04
CA ILE B 184 8.27 -4.55 -1.93
C ILE B 184 9.32 -5.58 -2.39
N GLN B 185 10.08 -5.24 -3.41
CA GLN B 185 11.17 -6.09 -3.81
C GLN B 185 12.25 -6.23 -2.75
N ASP B 186 12.70 -5.13 -2.18
CA ASP B 186 13.89 -5.13 -1.36
C ASP B 186 13.66 -5.35 0.12
N LEU B 187 12.51 -4.92 0.64
CA LEU B 187 12.23 -5.01 2.11
C LEU B 187 13.37 -4.54 3.01
N TYR B 188 13.86 -3.33 2.78
CA TYR B 188 15.07 -2.87 3.46
C TYR B 188 14.95 -3.04 4.95
N LEU B 189 15.98 -3.67 5.51
CA LEU B 189 16.14 -3.68 6.96
C LEU B 189 15.09 -4.57 7.69
N TRP B 190 14.64 -5.61 6.99
CA TRP B 190 13.69 -6.56 7.56
C TRP B 190 14.18 -7.14 8.85
N GLN B 191 15.47 -7.46 8.92
CA GLN B 191 15.96 -8.17 10.10
C GLN B 191 16.09 -7.20 11.28
N TYR B 192 15.92 -5.92 11.02
CA TYR B 192 15.94 -4.93 12.09
C TYR B 192 14.58 -4.52 12.60
N GLY B 193 13.56 -4.69 11.79
CA GLY B 193 12.18 -4.31 12.16
C GLY B 193 11.15 -4.71 11.10
N GLN B 194 10.02 -5.28 11.54
CA GLN B 194 8.94 -5.66 10.62
C GLN B 194 8.07 -4.45 10.24
N ALA B 195 7.50 -3.74 11.22
CA ALA B 195 6.95 -2.38 11.00
C ALA B 195 6.07 -2.42 9.78
N LEU B 196 5.17 -3.39 9.79
CA LEU B 196 4.33 -3.62 8.68
C LEU B 196 3.46 -2.38 8.35
N SER B 197 2.94 -1.74 9.39
CA SER B 197 2.11 -0.52 9.13
C SER B 197 2.93 0.50 8.34
N TYR B 198 4.16 0.68 8.71
CA TYR B 198 5.09 1.60 8.06
C TYR B 198 5.41 1.13 6.61
N ARG B 199 5.84 -0.12 6.45
CA ARG B 199 6.18 -0.59 5.07
C ARG B 199 5.02 -0.46 4.14
N CYS B 200 3.84 -0.90 4.60
CA CYS B 200 2.68 -0.82 3.72
C CYS B 200 2.44 0.64 3.33
N SER B 201 2.50 1.52 4.34
CA SER B 201 2.25 2.97 4.07
C SER B 201 3.26 3.55 3.05
N LYS B 202 4.51 3.05 3.08
CA LYS B 202 5.55 3.59 2.18
C LYS B 202 5.44 3.04 0.78
N ALA B 203 5.11 1.75 0.65
CA ALA B 203 4.72 1.24 -0.68
C ALA B 203 3.53 2.01 -1.23
N ALA B 204 2.51 2.26 -0.38
CA ALA B 204 1.35 2.97 -0.89
C ALA B 204 1.76 4.41 -1.28
N LEU B 205 2.70 5.02 -0.56
CA LEU B 205 3.21 6.35 -0.92
C LEU B 205 3.96 6.33 -2.27
N ASN B 206 4.71 5.25 -2.55
CA ASN B 206 5.36 5.14 -3.89
C ASN B 206 4.33 5.05 -4.98
N MET B 207 3.23 4.36 -4.72
CA MET B 207 2.11 4.32 -5.67
C MET B 207 1.43 5.70 -5.78
N LEU B 208 1.22 6.33 -4.64
CA LEU B 208 0.58 7.69 -4.68
C LEU B 208 1.44 8.65 -5.54
N THR B 209 2.77 8.55 -5.37
CA THR B 209 3.74 9.36 -6.13
C THR B 209 3.53 9.07 -7.66
N ARG B 210 3.44 7.78 -8.02
CA ARG B 210 3.17 7.49 -9.42
C ARG B 210 1.89 8.08 -9.91
N CYS B 211 0.82 7.93 -9.13
CA CYS B 211 -0.44 8.51 -9.50
C CYS B 211 -0.44 10.04 -9.59
N GLN B 212 0.20 10.72 -8.65
CA GLN B 212 0.30 12.17 -8.72
C GLN B 212 1.05 12.59 -9.99
N SER B 213 2.10 11.84 -10.32
CA SER B 213 2.94 12.10 -11.45
C SER B 213 2.12 12.10 -12.74
N MET B 214 1.24 11.10 -12.87
CA MET B 214 0.40 10.95 -14.07
C MET B 214 -0.75 11.95 -14.06
N GLY B 215 -1.36 12.11 -12.88
CA GLY B 215 -2.54 12.99 -12.74
C GLY B 215 -2.20 14.48 -12.86
N TYR B 216 -1.04 14.86 -12.36
CA TYR B 216 -0.61 16.26 -12.32
C TYR B 216 0.33 16.65 -13.48
N ARG B 217 0.73 15.68 -14.31
CA ARG B 217 1.61 16.02 -15.43
C ARG B 217 1.04 17.16 -16.29
N GLU B 218 -0.27 17.17 -16.51
CA GLU B 218 -0.89 18.12 -17.43
C GLU B 218 -0.84 19.57 -16.86
N HIS B 219 -0.53 19.68 -15.56
CA HIS B 219 -0.42 20.99 -14.92
C HIS B 219 1.03 21.45 -14.88
N GLY B 220 1.93 20.66 -15.43
CA GLY B 220 3.32 21.01 -15.40
C GLY B 220 4.02 20.78 -14.06
N ILE B 221 3.49 19.85 -13.25
CA ILE B 221 3.97 19.53 -11.91
C ILE B 221 4.71 18.14 -11.90
N PHE B 222 5.95 18.15 -11.46
CA PHE B 222 6.81 16.96 -11.35
C PHE B 222 6.53 16.35 -9.99
N CYS B 223 6.56 15.02 -9.87
CA CYS B 223 6.51 14.33 -8.57
C CYS B 223 7.61 13.26 -8.48
N VAL B 224 8.13 13.00 -7.29
CA VAL B 224 9.19 12.00 -7.17
C VAL B 224 9.16 11.53 -5.75
N ALA B 225 9.50 10.26 -5.53
CA ALA B 225 9.66 9.75 -4.22
C ALA B 225 11.15 9.57 -3.92
N LEU B 226 11.57 9.95 -2.71
CA LEU B 226 12.97 9.76 -2.34
C LEU B 226 13.19 8.94 -1.14
N HIS B 227 14.19 8.07 -1.21
CA HIS B 227 14.66 7.40 -0.02
C HIS B 227 15.86 8.17 0.53
N PRO B 228 15.79 8.61 1.80
CA PRO B 228 16.82 9.51 2.33
C PRO B 228 18.01 8.75 2.88
N GLY B 229 17.93 7.42 2.91
CA GLY B 229 18.97 6.60 3.54
C GLY B 229 18.47 6.19 4.92
N TRP B 230 19.28 5.44 5.64
CA TRP B 230 19.02 5.17 7.02
C TRP B 230 19.70 6.28 7.81
N VAL B 231 18.93 7.31 8.14
CA VAL B 231 19.45 8.56 8.69
C VAL B 231 19.48 8.53 10.21
N LYS B 232 20.51 9.16 10.78
CA LYS B 232 20.68 9.23 12.23
C LYS B 232 19.70 10.30 12.71
N THR B 233 18.45 9.89 12.89
CA THR B 233 17.39 10.73 13.49
C THR B 233 16.74 9.89 14.56
N ASP B 234 15.73 10.47 15.23
CA ASP B 234 14.95 9.74 16.23
C ASP B 234 14.30 8.54 15.58
N MET B 235 13.88 8.64 14.33
CA MET B 235 13.25 7.52 13.64
C MET B 235 14.21 6.45 13.23
N GLY B 236 15.39 6.86 12.82
CA GLY B 236 16.42 5.91 12.37
C GLY B 236 16.92 5.03 13.50
N GLY B 237 16.83 5.55 14.73
CA GLY B 237 17.19 4.78 15.91
C GLY B 237 18.65 4.90 16.32
N THR B 238 19.02 4.11 17.32
CA THR B 238 20.32 4.18 18.00
C THR B 238 21.44 3.27 17.40
N LEU B 239 21.11 2.50 16.37
CA LEU B 239 22.02 1.42 15.96
C LEU B 239 23.27 1.84 15.16
N GLU B 240 24.41 1.24 15.51
CA GLU B 240 25.67 1.50 14.82
C GLU B 240 25.76 0.68 13.54
N ASP B 241 26.10 1.34 12.44
CA ASP B 241 26.17 0.68 11.12
C ASP B 241 26.76 1.66 10.16
N LYS B 242 27.78 1.27 9.40
CA LYS B 242 28.40 2.28 8.58
C LYS B 242 27.78 2.49 7.21
N SER B 243 26.60 1.92 6.97
CA SER B 243 25.80 2.32 5.81
C SER B 243 24.94 3.54 6.16
N ARG B 244 24.76 3.79 7.45
CA ARG B 244 23.98 4.95 7.94
C ARG B 244 24.59 6.25 7.49
N VAL B 245 23.75 7.27 7.37
CA VAL B 245 24.18 8.60 6.95
C VAL B 245 23.66 9.67 7.90
N THR B 246 24.38 10.78 7.99
CA THR B 246 23.86 11.93 8.77
C THR B 246 22.75 12.69 8.02
N VAL B 247 21.95 13.44 8.80
CA VAL B 247 21.00 14.36 8.19
C VAL B 247 21.64 15.20 7.09
N ASP B 248 22.82 15.78 7.38
CA ASP B 248 23.45 16.64 6.40
C ASP B 248 23.79 15.88 5.09
N GLU B 249 24.35 14.67 5.21
CA GLU B 249 24.68 13.89 3.99
C GLU B 249 23.40 13.56 3.24
N SER B 250 22.38 13.13 3.97
CA SER B 250 21.10 12.76 3.33
C SER B 250 20.45 13.96 2.61
N VAL B 251 20.23 15.05 3.34
CA VAL B 251 19.62 16.13 2.63
C VAL B 251 20.51 16.85 1.61
N GLY B 252 21.80 17.00 1.87
CA GLY B 252 22.71 17.51 0.80
C GLY B 252 22.52 16.65 -0.48
N GLY B 253 22.47 15.34 -0.28
CA GLY B 253 22.21 14.41 -1.43
C GLY B 253 20.89 14.69 -2.15
N MET B 254 19.80 14.65 -1.38
CA MET B 254 18.49 14.82 -1.96
C MET B 254 18.38 16.12 -2.68
N LEU B 255 18.92 17.20 -2.11
CA LEU B 255 18.84 18.47 -2.83
C LEU B 255 19.64 18.42 -4.16
N LYS B 256 20.80 17.78 -4.14
CA LYS B 256 21.59 17.60 -5.40
C LYS B 256 20.72 16.80 -6.42
N VAL B 257 20.23 15.65 -5.97
CA VAL B 257 19.30 14.86 -6.80
C VAL B 257 18.20 15.74 -7.45
N LEU B 258 17.48 16.52 -6.65
CA LEU B 258 16.37 17.32 -7.18
C LEU B 258 16.84 18.27 -8.30
N SER B 259 17.99 18.91 -8.08
CA SER B 259 18.52 19.88 -9.04
C SER B 259 18.88 19.28 -10.40
N ASN B 260 19.06 17.95 -10.49
CA ASN B 260 19.33 17.22 -11.75
C ASN B 260 18.14 16.45 -12.35
N LEU B 261 16.93 16.56 -11.80
CA LEU B 261 15.78 15.77 -12.29
C LEU B 261 15.06 16.42 -13.45
N SER B 262 14.65 15.57 -14.38
CA SER B 262 13.90 16.04 -15.55
C SER B 262 12.61 15.25 -15.71
N GLU B 263 11.87 15.66 -16.71
CA GLU B 263 10.57 15.13 -16.97
C GLU B 263 10.47 13.57 -16.87
N LYS B 264 11.41 12.86 -17.46
CA LYS B 264 11.23 11.45 -17.58
C LYS B 264 11.38 10.73 -16.21
N ASP B 265 11.91 11.44 -15.19
CA ASP B 265 12.00 10.87 -13.85
C ASP B 265 10.70 11.05 -13.01
N SER B 266 9.68 11.73 -13.54
CA SER B 266 8.49 12.00 -12.74
C SER B 266 7.75 10.70 -12.42
N GLY B 267 7.44 10.46 -11.13
CA GLY B 267 6.84 9.19 -10.71
C GLY B 267 7.87 8.22 -10.16
N ALA B 268 9.15 8.45 -10.43
CA ALA B 268 10.21 7.56 -9.92
C ALA B 268 10.48 7.55 -8.42
N PHE B 269 11.28 6.56 -7.99
CA PHE B 269 11.66 6.36 -6.59
C PHE B 269 13.16 6.24 -6.58
N LEU B 270 13.82 7.32 -6.10
CA LEU B 270 15.28 7.50 -6.13
C LEU B 270 15.83 7.65 -4.73
N ASN B 271 17.09 7.28 -4.50
CA ASN B 271 17.66 7.54 -3.18
C ASN B 271 18.44 8.88 -3.15
N TRP B 272 19.02 9.21 -1.98
CA TRP B 272 19.70 10.50 -1.73
C TRP B 272 21.00 10.55 -2.55
N GLU B 273 21.47 9.39 -3.07
CA GLU B 273 22.63 9.42 -4.00
C GLU B 273 22.16 9.48 -5.46
N GLY B 274 20.86 9.60 -5.65
CA GLY B 274 20.32 9.73 -6.99
C GLY B 274 20.14 8.37 -7.74
N LYS B 275 20.42 7.26 -7.07
CA LYS B 275 20.17 5.92 -7.63
C LYS B 275 18.70 5.46 -7.68
N VAL B 276 18.38 4.66 -8.72
CA VAL B 276 17.02 4.01 -8.81
C VAL B 276 16.83 2.97 -7.70
N MET B 277 15.71 3.09 -6.98
CA MET B 277 15.34 2.02 -6.01
C MET B 277 14.21 1.24 -6.62
N ALA B 278 14.25 -0.07 -6.46
CA ALA B 278 13.18 -0.94 -6.90
C ALA B 278 11.95 -0.68 -6.07
N TRP B 279 10.82 -0.70 -6.73
CA TRP B 279 9.57 -0.63 -6.00
C TRP B 279 9.21 -1.90 -5.19
#